data_6SQI
#
_entry.id   6SQI
#
_cell.length_a   79.644
_cell.length_b   79.644
_cell.length_c   117.738
_cell.angle_alpha   90.000
_cell.angle_beta   90.000
_cell.angle_gamma   90.000
#
_symmetry.space_group_name_H-M   'I 41'
#
loop_
_entity.id
_entity.type
_entity.pdbx_description
1 polymer 'Protein arginine N-methyltransferase 6'
2 non-polymer 'CALCIUM ION'
3 water water
#
_entity_poly.entity_id   1
_entity_poly.type   'polypeptide(L)'
_entity_poly.pdbx_seq_one_letter_code
;MSLSKKRKLESGDSGGAGAGGEGAEEENGGEQEAAPPRPRRTKSERDQLYYECYSDVSVHEEMIADQVRTEAYRLGILKN
WAALRGKTVLDVGAGTGILSIFCAQAGARRVYAVEASAIWQQAREVVRLNGLEDRVHVLPGPVETVELPERVDAIVSEWM
GYGLLHESMLSSVLHARTKWLKEGGLLLPASAELFVAPISDQMLEWRLGFWSQVKQHYGVDMSCMESFATRCLMGHSEIV
VQDLSGEDVLARPQRFAQLELARAGLEQELEAGVGGRFRCSCYGSAPLHGFAVWFQVTFPGGDSEKPLVLSTSPLHPATH
WKQALLYLNEPVPVEQDTDISGEITLLPSPDNPRRLRILLRYKVGDHEEKTKDFAMEDGSENLYFQ
;
_entity_poly.pdbx_strand_id   A
#
loop_
_chem_comp.id
_chem_comp.type
_chem_comp.name
_chem_comp.formula
CA non-polymer 'CALCIUM ION' 'Ca 2'
#
# COMPACT_ATOMS: atom_id res chain seq x y z
N GLU A 52 17.41 -6.60 23.53
CA GLU A 52 17.31 -7.46 22.35
C GLU A 52 16.62 -6.71 21.22
N CYS A 53 16.80 -7.21 19.98
CA CYS A 53 16.29 -6.54 18.78
C CYS A 53 15.10 -7.32 18.25
N TYR A 54 13.92 -6.89 18.67
CA TYR A 54 12.67 -7.52 18.27
C TYR A 54 12.17 -6.92 16.96
N SER A 55 12.16 -5.60 16.86
CA SER A 55 11.81 -4.96 15.60
C SER A 55 12.99 -5.05 14.64
N ASP A 56 12.67 -5.04 13.35
CA ASP A 56 13.70 -5.06 12.32
C ASP A 56 14.03 -3.63 11.90
N VAL A 57 15.19 -3.15 12.35
CA VAL A 57 15.56 -1.75 12.11
C VAL A 57 15.59 -1.48 10.62
N SER A 58 15.84 -2.50 9.82
CA SER A 58 15.97 -2.26 8.40
C SER A 58 14.63 -1.92 7.77
N VAL A 59 13.51 -2.32 8.37
CA VAL A 59 12.22 -1.90 7.84
C VAL A 59 12.01 -0.43 8.10
N HIS A 60 12.40 0.03 9.29
CA HIS A 60 12.21 1.42 9.65
C HIS A 60 13.09 2.35 8.84
N GLU A 61 14.33 1.93 8.54
CA GLU A 61 15.16 2.79 7.70
C GLU A 61 14.61 2.84 6.27
N GLU A 62 14.06 1.74 5.76
CA GLU A 62 13.45 1.76 4.44
C GLU A 62 12.24 2.69 4.40
N MET A 63 11.49 2.77 5.48
CA MET A 63 10.40 3.73 5.54
C MET A 63 10.92 5.15 5.40
N ILE A 64 11.89 5.50 6.23
CA ILE A 64 12.33 6.88 6.22
C ILE A 64 13.19 7.18 5.00
N ALA A 65 13.89 6.17 4.48
CA ALA A 65 14.65 6.32 3.25
C ALA A 65 13.76 6.46 2.03
N ASP A 66 12.48 6.16 2.19
CA ASP A 66 11.48 6.38 1.16
C ASP A 66 11.15 7.85 1.18
N GLN A 67 11.83 8.61 0.32
CA GLN A 67 11.69 10.05 0.34
C GLN A 67 10.34 10.48 -0.19
N VAL A 68 9.75 9.67 -1.07
CA VAL A 68 8.40 9.94 -1.54
C VAL A 68 7.41 9.91 -0.38
N ARG A 69 7.46 8.83 0.39
CA ARG A 69 6.59 8.66 1.54
C ARG A 69 6.84 9.72 2.59
N THR A 70 8.11 9.94 2.94
CA THR A 70 8.40 10.80 4.07
C THR A 70 8.08 12.25 3.74
N GLU A 71 8.42 12.70 2.53
CA GLU A 71 8.15 14.07 2.17
C GLU A 71 6.68 14.29 1.89
N ALA A 72 5.96 13.28 1.38
CA ALA A 72 4.51 13.42 1.22
C ALA A 72 3.81 13.67 2.55
N TYR A 73 4.16 12.90 3.57
CA TYR A 73 3.62 13.14 4.90
C TYR A 73 4.07 14.49 5.46
N ARG A 74 5.36 14.80 5.35
CA ARG A 74 5.83 16.08 5.90
C ARG A 74 5.03 17.23 5.31
N LEU A 75 4.92 17.26 4.00
CA LEU A 75 4.26 18.35 3.30
C LEU A 75 2.74 18.28 3.42
N GLY A 76 2.18 17.06 3.41
CA GLY A 76 0.74 16.93 3.58
C GLY A 76 0.28 17.42 4.94
N ILE A 77 1.06 17.13 5.98
CA ILE A 77 0.79 17.65 7.33
C ILE A 77 0.90 19.18 7.33
N LEU A 78 1.98 19.70 6.76
CA LEU A 78 2.17 21.15 6.73
C LEU A 78 1.08 21.87 5.95
N LYS A 79 0.61 21.29 4.84
CA LYS A 79 -0.50 21.90 4.13
C LYS A 79 -1.67 22.20 5.06
N ASN A 80 -1.83 21.42 6.12
CA ASN A 80 -3.00 21.52 6.98
C ASN A 80 -2.71 22.26 8.28
N TRP A 81 -1.73 23.17 8.21
CA TRP A 81 -1.39 24.05 9.32
C TRP A 81 -2.61 24.69 9.99
N ALA A 82 -3.54 25.24 9.20
CA ALA A 82 -4.63 25.98 9.83
C ALA A 82 -5.49 25.06 10.70
N ALA A 83 -5.69 23.83 10.26
CA ALA A 83 -6.49 22.87 11.02
C ALA A 83 -5.74 22.29 12.20
N LEU A 84 -4.41 22.24 12.14
CA LEU A 84 -3.61 21.66 13.22
C LEU A 84 -3.17 22.68 14.25
N ARG A 85 -3.08 23.94 13.86
CA ARG A 85 -2.58 25.03 14.68
C ARG A 85 -3.23 25.00 16.06
N GLY A 86 -2.44 24.74 17.09
CA GLY A 86 -2.95 24.75 18.45
C GLY A 86 -3.87 23.61 18.82
N LYS A 87 -3.95 22.58 17.99
CA LYS A 87 -4.91 21.50 18.15
C LYS A 87 -4.20 20.23 18.62
N THR A 88 -4.98 19.18 18.85
CA THR A 88 -4.45 17.92 19.32
C THR A 88 -4.58 16.84 18.26
N VAL A 89 -3.60 15.94 18.26
CA VAL A 89 -3.46 14.93 17.23
C VAL A 89 -3.22 13.59 17.89
N LEU A 90 -3.80 12.56 17.29
CA LEU A 90 -3.48 11.17 17.59
C LEU A 90 -2.80 10.59 16.38
N ASP A 91 -1.59 10.08 16.57
CA ASP A 91 -0.82 9.39 15.53
C ASP A 91 -0.97 7.89 15.76
N VAL A 92 -1.69 7.20 14.86
CA VAL A 92 -1.99 5.78 15.05
C VAL A 92 -0.86 4.96 14.41
N GLY A 93 -0.09 4.25 15.25
CA GLY A 93 1.02 3.47 14.74
C GLY A 93 2.21 4.36 14.46
N ALA A 94 2.70 5.00 15.51
CA ALA A 94 3.64 6.09 15.36
C ALA A 94 5.03 5.68 14.92
N GLY A 95 5.36 4.39 15.04
CA GLY A 95 6.66 3.96 14.55
C GLY A 95 7.78 4.62 15.31
N THR A 96 8.77 5.13 14.57
CA THR A 96 9.90 5.84 15.16
C THR A 96 9.54 7.25 15.62
N GLY A 97 8.33 7.71 15.32
CA GLY A 97 7.84 8.98 15.81
C GLY A 97 7.94 10.15 14.86
N ILE A 98 8.49 9.96 13.68
CA ILE A 98 8.78 11.12 12.83
C ILE A 98 7.49 11.87 12.46
N LEU A 99 6.37 11.17 12.28
CA LEU A 99 5.17 11.86 11.84
C LEU A 99 4.54 12.66 12.96
N SER A 100 4.63 12.15 14.18
CA SER A 100 4.13 12.90 15.31
C SER A 100 4.93 14.17 15.51
N ILE A 101 6.23 14.12 15.24
CA ILE A 101 7.05 15.33 15.34
C ILE A 101 6.74 16.30 14.21
N PHE A 102 6.53 15.81 12.98
CA PHE A 102 6.07 16.68 11.90
C PHE A 102 4.81 17.44 12.33
N CYS A 103 3.88 16.74 12.99
CA CYS A 103 2.64 17.38 13.41
C CYS A 103 2.89 18.49 14.40
N ALA A 104 3.76 18.25 15.37
CA ALA A 104 4.13 19.29 16.31
C ALA A 104 4.79 20.45 15.59
N GLN A 105 5.66 20.15 14.65
CA GLN A 105 6.32 21.21 13.90
C GLN A 105 5.32 21.97 13.05
N ALA A 106 4.24 21.33 12.63
CA ALA A 106 3.15 22.02 11.94
C ALA A 106 2.23 22.81 12.90
N GLY A 107 2.59 22.88 14.18
CA GLY A 107 1.89 23.70 15.12
C GLY A 107 0.90 23.03 16.04
N ALA A 108 0.73 21.71 15.95
CA ALA A 108 -0.15 21.03 16.92
C ALA A 108 0.31 21.28 18.35
N ARG A 109 -0.66 21.44 19.23
CA ARG A 109 -0.41 21.70 20.64
C ARG A 109 0.03 20.44 21.37
N ARG A 110 -0.69 19.34 21.17
CA ARG A 110 -0.39 18.07 21.82
C ARG A 110 -0.57 16.97 20.80
N VAL A 111 0.32 15.98 20.83
CA VAL A 111 0.26 14.82 19.94
C VAL A 111 0.38 13.58 20.81
N TYR A 112 -0.51 12.62 20.60
CA TYR A 112 -0.47 11.32 21.26
C TYR A 112 0.01 10.32 20.22
N ALA A 113 1.21 9.78 20.44
CA ALA A 113 1.85 8.87 19.50
C ALA A 113 1.70 7.47 20.03
N VAL A 114 0.84 6.68 19.43
CA VAL A 114 0.50 5.35 19.92
C VAL A 114 1.21 4.31 19.05
N GLU A 115 1.93 3.38 19.69
CA GLU A 115 2.68 2.41 18.91
C GLU A 115 2.77 1.13 19.71
N ALA A 116 2.35 0.05 19.11
CA ALA A 116 2.33 -1.22 19.81
C ALA A 116 3.61 -2.03 19.63
N SER A 117 4.42 -1.74 18.60
CA SER A 117 5.62 -2.53 18.39
C SER A 117 6.74 -2.13 19.35
N ALA A 118 7.86 -2.85 19.29
CA ALA A 118 8.96 -2.60 20.23
C ALA A 118 9.58 -1.22 20.01
N ILE A 119 9.51 -0.72 18.78
CA ILE A 119 10.14 0.51 18.39
C ILE A 119 9.59 1.71 19.13
N TRP A 120 8.47 1.57 19.85
CA TRP A 120 7.89 2.69 20.58
C TRP A 120 8.93 3.32 21.50
N GLN A 121 9.84 2.52 22.05
CA GLN A 121 10.89 3.01 22.93
C GLN A 121 11.76 4.03 22.21
N GLN A 122 12.14 3.74 20.97
CA GLN A 122 12.99 4.64 20.22
C GLN A 122 12.27 5.93 19.89
N ALA A 123 10.97 5.83 19.57
CA ALA A 123 10.16 7.01 19.35
C ALA A 123 10.19 7.96 20.55
N ARG A 124 10.06 7.42 21.76
CA ARG A 124 10.14 8.28 22.93
C ARG A 124 11.49 8.98 23.02
N GLU A 125 12.58 8.27 22.70
CA GLU A 125 13.89 8.90 22.77
C GLU A 125 14.02 9.97 21.69
N VAL A 126 13.48 9.70 20.49
CA VAL A 126 13.53 10.70 19.42
C VAL A 126 12.78 11.96 19.83
N VAL A 127 11.58 11.80 20.38
CA VAL A 127 10.81 12.95 20.83
C VAL A 127 11.60 13.77 21.82
N ARG A 128 12.24 13.10 22.78
CA ARG A 128 12.95 13.85 23.80
C ARG A 128 14.15 14.56 23.18
N LEU A 129 14.84 13.88 22.26
CA LEU A 129 16.01 14.45 21.60
C LEU A 129 15.67 15.73 20.85
N ASN A 130 14.44 15.84 20.36
CA ASN A 130 13.95 17.03 19.65
C ASN A 130 13.24 17.99 20.58
N GLY A 131 13.30 17.74 21.88
CA GLY A 131 12.81 18.70 22.85
C GLY A 131 11.32 18.81 22.90
N LEU A 132 10.61 17.77 22.51
CA LEU A 132 9.16 17.80 22.42
C LEU A 132 8.48 16.94 23.45
N GLU A 133 9.21 16.44 24.45
CA GLU A 133 8.64 15.53 25.43
C GLU A 133 7.45 16.14 26.15
N ASP A 134 7.40 17.46 26.19
CA ASP A 134 6.29 18.18 26.80
C ASP A 134 5.04 18.05 25.96
N ARG A 135 5.19 18.13 24.64
CA ARG A 135 4.08 18.22 23.71
C ARG A 135 3.69 16.89 23.08
N VAL A 136 4.62 15.97 22.86
CA VAL A 136 4.37 14.71 22.18
C VAL A 136 4.58 13.60 23.19
N HIS A 137 3.52 12.82 23.42
CA HIS A 137 3.49 11.75 24.42
C HIS A 137 3.42 10.41 23.71
N VAL A 138 4.39 9.56 23.95
CA VAL A 138 4.45 8.24 23.34
C VAL A 138 3.78 7.24 24.25
N LEU A 139 2.82 6.51 23.70
CA LEU A 139 1.98 5.60 24.47
C LEU A 139 2.08 4.17 23.92
N PRO A 140 2.64 3.22 24.67
CA PRO A 140 2.76 1.87 24.13
C PRO A 140 1.42 1.14 24.06
N GLY A 141 1.31 0.27 23.07
CA GLY A 141 0.24 -0.69 23.00
C GLY A 141 -0.75 -0.34 21.92
N PRO A 142 -1.71 -1.23 21.66
CA PRO A 142 -2.70 -0.98 20.62
C PRO A 142 -3.61 0.20 20.93
N VAL A 143 -4.01 0.89 19.87
CA VAL A 143 -4.86 2.06 20.03
C VAL A 143 -6.24 1.69 20.57
N GLU A 144 -6.67 0.44 20.38
CA GLU A 144 -8.01 0.03 20.79
C GLU A 144 -8.21 0.09 22.31
N THR A 145 -7.12 -0.03 23.07
CA THR A 145 -7.22 -0.01 24.52
C THR A 145 -6.36 1.08 25.17
N VAL A 146 -5.69 1.96 24.41
CA VAL A 146 -5.05 3.11 25.08
C VAL A 146 -6.13 4.02 25.63
N GLU A 147 -5.75 4.81 26.63
CA GLU A 147 -6.61 5.86 27.17
C GLU A 147 -5.91 7.19 26.98
N LEU A 148 -6.52 8.06 26.24
CA LEU A 148 -6.08 9.42 26.11
C LEU A 148 -6.85 10.28 27.09
N PRO A 149 -6.28 11.41 27.49
CA PRO A 149 -6.98 12.32 28.41
C PRO A 149 -8.03 13.19 27.77
N GLU A 150 -8.23 13.07 26.46
CA GLU A 150 -9.09 13.98 25.73
C GLU A 150 -9.34 13.37 24.36
N ARG A 151 -10.45 13.75 23.75
CA ARG A 151 -10.63 13.47 22.34
C ARG A 151 -9.72 14.41 21.55
N VAL A 152 -9.48 14.06 20.28
CA VAL A 152 -8.49 14.75 19.47
C VAL A 152 -9.15 15.43 18.28
N ASP A 153 -8.45 16.46 17.77
CA ASP A 153 -8.88 17.23 16.62
C ASP A 153 -8.52 16.57 15.30
N ALA A 154 -7.50 15.70 15.31
CA ALA A 154 -7.02 15.10 14.08
C ALA A 154 -6.39 13.75 14.39
N ILE A 155 -6.41 12.89 13.38
CA ILE A 155 -5.66 11.64 13.38
C ILE A 155 -4.74 11.63 12.19
N VAL A 156 -3.49 11.28 12.42
CA VAL A 156 -2.54 11.04 11.35
C VAL A 156 -2.11 9.59 11.47
N SER A 157 -1.86 8.95 10.33
CA SER A 157 -1.38 7.59 10.37
C SER A 157 -0.77 7.18 9.06
N GLU A 158 0.36 6.46 9.16
CA GLU A 158 0.92 5.66 8.07
C GLU A 158 0.39 4.25 8.25
N TRP A 159 -0.76 3.99 7.66
CA TRP A 159 -1.47 2.75 7.89
C TRP A 159 -1.46 1.81 6.69
N MET A 160 -1.02 2.29 5.52
CA MET A 160 -1.15 1.53 4.30
C MET A 160 -0.19 0.36 4.28
N GLY A 161 -0.70 -0.82 3.94
CA GLY A 161 0.13 -1.99 3.79
C GLY A 161 0.47 -2.23 2.33
N TYR A 162 1.25 -3.28 2.10
CA TYR A 162 1.40 -3.78 0.75
C TYR A 162 0.02 -4.08 0.17
N GLY A 163 -0.17 -3.77 -1.10
CA GLY A 163 -1.49 -3.95 -1.67
C GLY A 163 -2.54 -3.12 -1.02
N LEU A 164 -2.15 -2.04 -0.34
CA LEU A 164 -2.95 -1.20 0.54
C LEU A 164 -3.42 -1.92 1.79
N LEU A 165 -4.02 -3.10 1.64
CA LEU A 165 -4.79 -3.71 2.71
C LEU A 165 -4.19 -5.01 3.24
N HIS A 166 -2.97 -5.34 2.89
CA HIS A 166 -2.28 -6.43 3.56
C HIS A 166 -1.66 -5.89 4.83
N GLU A 167 -2.05 -6.46 5.96
CA GLU A 167 -1.46 -6.12 7.26
C GLU A 167 -1.43 -4.60 7.46
N SER A 168 -2.52 -3.95 7.07
CA SER A 168 -2.65 -2.52 7.24
C SER A 168 -3.13 -2.20 8.65
N MET A 169 -3.03 -0.92 9.00
CA MET A 169 -3.60 -0.43 10.24
C MET A 169 -4.89 0.34 10.03
N LEU A 170 -5.55 0.15 8.89
CA LEU A 170 -6.76 0.88 8.60
C LEU A 170 -7.84 0.60 9.64
N SER A 171 -8.04 -0.67 9.98
CA SER A 171 -9.05 -0.99 10.98
C SER A 171 -8.78 -0.23 12.27
N SER A 172 -7.51 -0.17 12.69
CA SER A 172 -7.16 0.54 13.93
C SER A 172 -7.46 2.04 13.82
N VAL A 173 -7.15 2.63 12.66
CA VAL A 173 -7.46 4.03 12.43
C VAL A 173 -8.97 4.26 12.51
N LEU A 174 -9.76 3.35 11.94
CA LEU A 174 -11.21 3.53 12.00
C LEU A 174 -11.72 3.42 13.43
N HIS A 175 -11.17 2.50 14.21
CA HIS A 175 -11.57 2.36 15.61
C HIS A 175 -11.23 3.61 16.40
N ALA A 176 -10.03 4.14 16.19
CA ALA A 176 -9.62 5.36 16.87
C ALA A 176 -10.47 6.56 16.45
N ARG A 177 -10.83 6.64 15.18
CA ARG A 177 -11.74 7.69 14.73
C ARG A 177 -13.02 7.65 15.53
N THR A 178 -13.62 6.47 15.61
CA THR A 178 -14.88 6.29 16.29
C THR A 178 -14.78 6.68 17.76
N LYS A 179 -13.68 6.31 18.41
CA LYS A 179 -13.57 6.46 19.84
C LYS A 179 -13.02 7.80 20.26
N TRP A 180 -12.07 8.36 19.50
CA TRP A 180 -11.29 9.49 19.97
C TRP A 180 -11.38 10.74 19.11
N LEU A 181 -11.80 10.64 17.86
CA LEU A 181 -11.78 11.82 17.00
C LEU A 181 -13.04 12.65 17.25
N LYS A 182 -12.83 13.95 17.44
CA LYS A 182 -13.95 14.85 17.62
C LYS A 182 -14.79 14.95 16.35
N GLU A 183 -16.05 15.34 16.54
CA GLU A 183 -16.95 15.63 15.42
C GLU A 183 -16.31 16.60 14.45
N GLY A 184 -16.23 16.21 13.18
CA GLY A 184 -15.63 17.04 12.16
C GLY A 184 -14.12 16.99 12.11
N GLY A 185 -13.49 16.08 12.82
CA GLY A 185 -12.06 16.09 12.91
C GLY A 185 -11.41 15.69 11.61
N LEU A 186 -10.11 15.89 11.59
CA LEU A 186 -9.27 15.76 10.42
C LEU A 186 -8.62 14.40 10.41
N LEU A 187 -8.58 13.76 9.23
CA LEU A 187 -7.85 12.52 9.03
C LEU A 187 -6.77 12.74 7.98
N LEU A 188 -5.55 12.34 8.30
CA LEU A 188 -4.40 12.49 7.42
C LEU A 188 -3.71 11.15 7.18
N PRO A 189 -3.63 10.64 5.93
CA PRO A 189 -4.40 11.10 4.76
C PRO A 189 -5.90 10.86 4.94
N ALA A 190 -6.72 11.42 4.05
CA ALA A 190 -8.16 11.36 4.20
C ALA A 190 -8.81 10.30 3.33
N SER A 191 -8.12 9.82 2.31
CA SER A 191 -8.73 8.90 1.38
C SER A 191 -7.65 8.11 0.67
N ALA A 192 -8.08 7.03 0.04
CA ALA A 192 -7.23 6.13 -0.71
C ALA A 192 -7.97 5.68 -1.95
N GLU A 193 -7.21 5.44 -3.01
CA GLU A 193 -7.72 4.95 -4.28
C GLU A 193 -6.91 3.73 -4.71
N LEU A 194 -7.60 2.78 -5.33
CA LEU A 194 -7.01 1.53 -5.78
C LEU A 194 -7.04 1.47 -7.28
N PHE A 195 -5.92 1.02 -7.86
CA PHE A 195 -5.73 0.95 -9.30
C PHE A 195 -5.29 -0.44 -9.73
N VAL A 196 -5.70 -0.83 -10.93
CA VAL A 196 -5.27 -2.08 -11.55
C VAL A 196 -4.89 -1.81 -13.00
N ALA A 197 -3.84 -2.52 -13.47
CA ALA A 197 -3.46 -2.42 -14.88
C ALA A 197 -2.93 -3.77 -15.34
N PRO A 198 -3.19 -4.16 -16.58
CA PRO A 198 -2.48 -5.31 -17.16
C PRO A 198 -1.01 -4.98 -17.35
N ILE A 199 -0.15 -6.00 -17.20
CA ILE A 199 1.28 -5.78 -17.26
C ILE A 199 1.93 -6.83 -18.13
N SER A 200 3.00 -6.43 -18.79
CA SER A 200 3.99 -7.32 -19.37
C SER A 200 5.25 -6.96 -18.59
N ASP A 201 5.55 -7.77 -17.58
CA ASP A 201 6.67 -7.55 -16.68
C ASP A 201 7.94 -7.89 -17.45
N GLN A 202 8.68 -6.86 -17.87
CA GLN A 202 9.88 -7.09 -18.66
C GLN A 202 10.91 -7.90 -17.90
N MET A 203 11.00 -7.73 -16.58
CA MET A 203 11.95 -8.54 -15.81
C MET A 203 11.57 -10.00 -15.85
N LEU A 204 10.29 -10.30 -15.67
CA LEU A 204 9.81 -11.68 -15.79
C LEU A 204 10.08 -12.23 -17.18
N GLU A 205 9.77 -11.43 -18.19
CA GLU A 205 10.01 -11.86 -19.57
C GLU A 205 11.46 -12.24 -19.73
N TRP A 206 12.36 -11.46 -19.17
CA TRP A 206 13.77 -11.76 -19.31
C TRP A 206 14.14 -13.05 -18.60
N ARG A 207 13.60 -13.28 -17.41
CA ARG A 207 13.93 -14.49 -16.66
C ARG A 207 13.43 -15.74 -17.36
N LEU A 208 12.20 -15.68 -17.90
CA LEU A 208 11.64 -16.81 -18.62
C LEU A 208 12.43 -17.09 -19.89
N GLY A 209 12.72 -16.06 -20.67
CA GLY A 209 13.41 -16.28 -21.92
C GLY A 209 14.88 -16.58 -21.76
N PHE A 210 15.42 -16.38 -20.56
CA PHE A 210 16.83 -16.56 -20.33
C PHE A 210 17.31 -17.94 -20.70
N TRP A 211 16.47 -18.95 -20.49
CA TRP A 211 16.87 -20.33 -20.77
C TRP A 211 17.04 -20.58 -22.26
N SER A 212 16.25 -19.88 -23.09
CA SER A 212 16.38 -19.95 -24.53
C SER A 212 17.58 -19.17 -25.04
N GLN A 213 18.21 -18.38 -24.17
CA GLN A 213 19.38 -17.60 -24.48
C GLN A 213 20.68 -18.30 -24.13
N VAL A 214 20.62 -19.39 -23.38
CA VAL A 214 21.85 -20.03 -22.92
C VAL A 214 22.67 -20.53 -24.10
N LYS A 215 22.00 -21.02 -25.14
CA LYS A 215 22.73 -21.56 -26.27
C LYS A 215 23.66 -20.52 -26.89
N GLN A 216 23.21 -19.27 -26.97
CA GLN A 216 24.01 -18.23 -27.60
C GLN A 216 25.16 -17.72 -26.74
N HIS A 217 25.13 -17.98 -25.44
CA HIS A 217 26.18 -17.55 -24.54
C HIS A 217 27.13 -18.66 -24.17
N TYR A 218 26.65 -19.88 -24.07
CA TYR A 218 27.48 -20.99 -23.66
C TYR A 218 27.41 -22.20 -24.58
N GLY A 219 26.60 -22.15 -25.65
CA GLY A 219 26.56 -23.25 -26.60
C GLY A 219 25.88 -24.52 -26.12
N VAL A 220 25.00 -24.38 -25.14
CA VAL A 220 24.18 -25.47 -24.63
C VAL A 220 22.74 -24.98 -24.68
N ASP A 221 21.91 -25.71 -25.37
CA ASP A 221 20.51 -25.36 -25.50
C ASP A 221 19.80 -25.74 -24.21
N MET A 222 19.21 -24.76 -23.56
CA MET A 222 18.43 -25.01 -22.36
C MET A 222 17.02 -24.46 -22.52
N SER A 223 16.52 -24.41 -23.73
CA SER A 223 15.20 -23.81 -23.93
C SER A 223 14.09 -24.66 -23.32
N CYS A 224 14.34 -25.96 -23.08
CA CYS A 224 13.35 -26.80 -22.42
C CYS A 224 13.05 -26.35 -20.99
N MET A 225 13.97 -25.62 -20.36
CA MET A 225 13.79 -25.12 -19.00
C MET A 225 12.74 -24.00 -18.89
N GLU A 226 12.22 -23.51 -20.01
CA GLU A 226 11.33 -22.34 -19.98
C GLU A 226 9.95 -22.71 -19.46
N SER A 227 9.42 -23.84 -19.93
CA SER A 227 8.18 -24.38 -19.40
C SER A 227 8.26 -24.53 -17.90
N PHE A 228 9.32 -25.18 -17.44
CA PHE A 228 9.52 -25.37 -16.00
C PHE A 228 9.60 -24.04 -15.28
N ALA A 229 10.37 -23.11 -15.82
CA ALA A 229 10.48 -21.80 -15.19
C ALA A 229 9.12 -21.10 -15.13
N THR A 230 8.33 -21.23 -16.19
CA THR A 230 7.02 -20.60 -16.21
C THR A 230 6.14 -21.16 -15.10
N ARG A 231 6.05 -22.48 -15.00
CA ARG A 231 5.24 -23.08 -13.96
C ARG A 231 5.70 -22.60 -12.58
N CYS A 232 7.01 -22.57 -12.36
CA CYS A 232 7.52 -22.14 -11.06
C CYS A 232 7.23 -20.67 -10.80
N LEU A 233 7.46 -19.80 -11.77
CA LEU A 233 7.36 -18.38 -11.50
C LEU A 233 5.94 -17.84 -11.63
N MET A 234 5.06 -18.54 -12.34
CA MET A 234 3.71 -18.04 -12.57
C MET A 234 2.59 -18.97 -12.14
N GLY A 235 2.86 -20.26 -11.97
CA GLY A 235 1.82 -21.23 -11.69
C GLY A 235 1.55 -21.44 -10.21
N HIS A 236 1.38 -20.33 -9.51
CA HIS A 236 1.11 -20.29 -8.08
C HIS A 236 0.05 -19.21 -7.91
N SER A 237 -0.51 -19.12 -6.72
CA SER A 237 -1.54 -18.11 -6.47
C SER A 237 -1.10 -17.15 -5.37
N GLU A 238 0.18 -16.83 -5.35
CA GLU A 238 0.75 -15.91 -4.37
C GLU A 238 0.75 -14.52 -4.96
N ILE A 239 0.31 -13.55 -4.16
CA ILE A 239 0.50 -12.15 -4.49
C ILE A 239 2.00 -11.85 -4.37
N VAL A 240 2.57 -11.27 -5.41
CA VAL A 240 3.99 -10.99 -5.51
C VAL A 240 4.19 -9.49 -5.35
N VAL A 241 4.91 -9.09 -4.30
CA VAL A 241 5.26 -7.67 -4.10
C VAL A 241 6.55 -7.39 -4.86
N GLN A 242 6.46 -6.54 -5.88
CA GLN A 242 7.57 -6.22 -6.76
C GLN A 242 7.33 -4.86 -7.39
N ASP A 243 8.42 -4.15 -7.67
CA ASP A 243 8.35 -2.84 -8.27
C ASP A 243 8.47 -2.98 -9.77
N LEU A 244 7.62 -2.27 -10.47
CA LEU A 244 7.61 -2.18 -11.92
C LEU A 244 7.89 -0.75 -12.33
N SER A 245 8.00 -0.55 -13.64
CA SER A 245 8.07 0.77 -14.22
C SER A 245 6.97 0.90 -15.27
N GLY A 246 6.86 2.10 -15.83
CA GLY A 246 5.88 2.32 -16.88
C GLY A 246 6.11 1.43 -18.09
N GLU A 247 7.34 1.00 -18.32
CA GLU A 247 7.62 0.04 -19.37
C GLU A 247 6.68 -1.14 -19.31
N ASP A 248 6.29 -1.52 -18.10
CA ASP A 248 5.58 -2.76 -17.87
C ASP A 248 4.08 -2.63 -18.01
N VAL A 249 3.56 -1.43 -18.05
CA VAL A 249 2.12 -1.22 -18.04
C VAL A 249 1.59 -1.39 -19.45
N LEU A 250 0.61 -2.27 -19.60
CA LEU A 250 0.15 -2.70 -20.91
C LEU A 250 -1.14 -2.03 -21.37
N ALA A 251 -1.78 -1.23 -20.54
CA ALA A 251 -2.95 -0.49 -20.93
C ALA A 251 -3.18 0.57 -19.85
N ARG A 252 -4.08 1.51 -20.14
CA ARG A 252 -4.32 2.59 -19.20
C ARG A 252 -4.75 2.05 -17.84
N PRO A 253 -4.13 2.46 -16.75
CA PRO A 253 -4.60 2.00 -15.43
C PRO A 253 -6.02 2.46 -15.13
N GLN A 254 -6.72 1.62 -14.39
CA GLN A 254 -8.13 1.78 -14.08
C GLN A 254 -8.30 1.87 -12.57
N ARG A 255 -8.86 2.97 -12.09
CA ARG A 255 -9.27 3.04 -10.69
C ARG A 255 -10.46 2.11 -10.50
N PHE A 256 -10.37 1.20 -9.53
CA PHE A 256 -11.48 0.29 -9.29
C PHE A 256 -12.09 0.42 -7.91
N ALA A 257 -11.50 1.20 -7.01
CA ALA A 257 -12.13 1.50 -5.74
C ALA A 257 -11.61 2.83 -5.19
N GLN A 258 -12.46 3.49 -4.41
CA GLN A 258 -12.08 4.70 -3.68
C GLN A 258 -12.63 4.60 -2.27
N LEU A 259 -11.76 4.88 -1.29
CA LEU A 259 -12.08 4.74 0.11
C LEU A 259 -11.90 6.10 0.77
N GLU A 260 -13.00 6.66 1.24
CA GLU A 260 -13.00 7.88 2.04
C GLU A 260 -13.01 7.43 3.48
N LEU A 261 -11.93 7.73 4.21
CA LEU A 261 -11.77 7.13 5.52
C LEU A 261 -12.86 7.57 6.50
N ALA A 262 -13.39 8.78 6.34
CA ALA A 262 -14.40 9.29 7.26
C ALA A 262 -15.80 8.74 7.01
N ARG A 263 -16.02 7.97 5.96
CA ARG A 263 -17.38 7.69 5.51
C ARG A 263 -17.99 6.53 6.26
N ALA A 264 -19.28 6.67 6.56
CA ALA A 264 -20.03 5.61 7.20
C ALA A 264 -19.95 4.32 6.40
N GLY A 265 -19.80 3.22 7.12
CA GLY A 265 -19.87 1.93 6.48
C GLY A 265 -18.55 1.36 5.98
N LEU A 266 -17.45 2.10 6.11
CA LEU A 266 -16.20 1.65 5.51
C LEU A 266 -15.73 0.34 6.12
N GLU A 267 -15.81 0.20 7.44
CA GLU A 267 -15.31 -1.02 8.04
C GLU A 267 -16.11 -2.24 7.56
N GLN A 268 -17.41 -2.07 7.33
CA GLN A 268 -18.22 -3.18 6.81
C GLN A 268 -17.84 -3.48 5.37
N GLU A 269 -17.56 -2.45 4.58
CA GLU A 269 -17.09 -2.65 3.22
C GLU A 269 -15.79 -3.43 3.21
N LEU A 270 -14.87 -3.12 4.12
CA LEU A 270 -13.63 -3.86 4.21
C LEU A 270 -13.90 -5.35 4.41
N GLU A 271 -14.84 -5.70 5.29
CA GLU A 271 -15.10 -7.12 5.51
C GLU A 271 -15.75 -7.75 4.31
N ALA A 272 -16.62 -7.00 3.63
CA ALA A 272 -17.34 -7.51 2.46
C ALA A 272 -16.44 -7.65 1.24
N GLY A 273 -15.38 -6.86 1.15
CA GLY A 273 -14.58 -6.86 -0.06
C GLY A 273 -14.64 -5.49 -0.68
N VAL A 274 -13.45 -4.96 -0.96
CA VAL A 274 -13.24 -3.70 -1.65
C VAL A 274 -12.86 -4.02 -3.08
N GLY A 275 -13.70 -3.67 -4.05
CA GLY A 275 -13.37 -4.06 -5.41
C GLY A 275 -14.29 -3.42 -6.43
N GLY A 276 -14.05 -3.77 -7.68
CA GLY A 276 -14.82 -3.21 -8.76
C GLY A 276 -14.42 -3.84 -10.08
N ARG A 277 -15.29 -3.64 -11.06
CA ARG A 277 -15.01 -4.11 -12.40
C ARG A 277 -14.06 -3.15 -13.10
N PHE A 278 -13.45 -3.63 -14.18
CA PHE A 278 -12.54 -2.82 -14.96
C PHE A 278 -12.59 -3.30 -16.40
N ARG A 279 -12.13 -2.43 -17.30
CA ARG A 279 -12.09 -2.70 -18.74
C ARG A 279 -11.02 -1.80 -19.33
N CYS A 280 -10.22 -2.33 -20.26
CA CYS A 280 -9.16 -1.55 -20.89
C CYS A 280 -8.74 -2.19 -22.21
N SER A 281 -7.97 -1.42 -22.99
CA SER A 281 -7.48 -1.87 -24.29
C SER A 281 -5.96 -1.83 -24.30
N CYS A 282 -5.34 -2.91 -24.77
CA CYS A 282 -3.90 -3.01 -24.69
C CYS A 282 -3.22 -2.03 -25.63
N TYR A 283 -2.07 -1.50 -25.20
CA TYR A 283 -1.36 -0.54 -26.01
C TYR A 283 -0.73 -1.18 -27.25
N GLY A 284 -0.27 -2.42 -27.16
CA GLY A 284 0.40 -3.03 -28.29
C GLY A 284 0.74 -4.48 -28.01
N SER A 285 1.56 -5.05 -28.90
CA SER A 285 1.88 -6.47 -28.86
C SER A 285 2.85 -6.76 -27.74
N ALA A 286 2.49 -7.73 -26.90
CA ALA A 286 3.29 -8.07 -25.73
C ALA A 286 2.78 -9.39 -25.18
N PRO A 287 3.61 -10.11 -24.44
CA PRO A 287 3.08 -11.17 -23.55
C PRO A 287 2.45 -10.53 -22.32
N LEU A 288 1.16 -10.76 -22.15
CA LEU A 288 0.47 -10.40 -20.91
C LEU A 288 0.85 -11.38 -19.81
N HIS A 289 1.42 -10.87 -18.72
CA HIS A 289 1.79 -11.70 -17.57
C HIS A 289 0.77 -11.70 -16.46
N GLY A 290 -0.17 -10.78 -16.46
CA GLY A 290 -1.10 -10.64 -15.36
C GLY A 290 -1.42 -9.19 -15.09
N PHE A 291 -1.67 -8.85 -13.83
CA PHE A 291 -2.10 -7.52 -13.44
C PHE A 291 -1.30 -7.00 -12.26
N ALA A 292 -1.17 -5.69 -12.18
CA ALA A 292 -0.58 -5.03 -11.04
C ALA A 292 -1.65 -4.21 -10.34
N VAL A 293 -1.62 -4.24 -9.01
CA VAL A 293 -2.50 -3.44 -8.18
C VAL A 293 -1.64 -2.47 -7.39
N TRP A 294 -2.08 -1.22 -7.33
CA TRP A 294 -1.43 -0.24 -6.48
C TRP A 294 -2.46 0.74 -5.97
N PHE A 295 -1.98 1.71 -5.19
CA PHE A 295 -2.85 2.66 -4.54
C PHE A 295 -2.21 4.03 -4.52
N GLN A 296 -3.03 5.01 -4.24
CA GLN A 296 -2.57 6.32 -3.81
C GLN A 296 -3.41 6.72 -2.60
N VAL A 297 -2.88 7.64 -1.81
CA VAL A 297 -3.65 8.27 -0.76
C VAL A 297 -3.52 9.76 -0.96
N THR A 298 -4.51 10.49 -0.47
CA THR A 298 -4.57 11.93 -0.65
C THR A 298 -4.68 12.64 0.69
N PHE A 299 -3.83 13.67 0.88
CA PHE A 299 -3.86 14.62 1.99
C PHE A 299 -4.63 15.85 1.54
N PRO A 300 -5.62 16.33 2.33
CA PRO A 300 -6.33 17.57 1.97
C PRO A 300 -5.36 18.71 1.73
N GLY A 301 -5.79 19.68 0.94
CA GLY A 301 -4.90 20.75 0.60
C GLY A 301 -4.82 21.88 1.61
N GLY A 302 -5.71 21.94 2.58
CA GLY A 302 -5.74 23.09 3.44
C GLY A 302 -5.91 24.37 2.64
N ASP A 303 -5.29 25.46 3.12
CA ASP A 303 -5.51 26.74 2.45
C ASP A 303 -4.75 26.89 1.13
N SER A 304 -3.95 25.89 0.74
CA SER A 304 -3.40 25.85 -0.60
C SER A 304 -4.42 25.45 -1.66
N GLU A 305 -5.49 24.75 -1.25
CA GLU A 305 -6.48 24.20 -2.17
C GLU A 305 -5.88 23.23 -3.16
N LYS A 306 -4.71 22.68 -2.85
CA LYS A 306 -4.03 21.71 -3.70
C LYS A 306 -3.77 20.47 -2.86
N PRO A 307 -4.59 19.43 -2.99
CA PRO A 307 -4.31 18.19 -2.27
C PRO A 307 -2.97 17.60 -2.66
N LEU A 308 -2.38 16.89 -1.71
CA LEU A 308 -1.13 16.20 -1.94
C LEU A 308 -1.42 14.72 -2.10
N VAL A 309 -1.02 14.15 -3.23
CA VAL A 309 -1.26 12.75 -3.56
C VAL A 309 0.04 11.97 -3.42
N LEU A 310 0.01 10.96 -2.57
CA LEU A 310 1.10 10.01 -2.42
C LEU A 310 0.72 8.77 -3.24
N SER A 311 1.40 8.56 -4.34
CA SER A 311 1.10 7.48 -5.26
C SER A 311 2.15 6.38 -5.18
N THR A 312 1.71 5.14 -5.38
CA THR A 312 2.61 4.00 -5.52
C THR A 312 2.55 3.41 -6.93
N SER A 313 2.10 4.22 -7.88
CA SER A 313 2.03 3.81 -9.27
C SER A 313 3.40 3.53 -9.84
N PRO A 314 3.55 2.55 -10.73
CA PRO A 314 4.84 2.35 -11.39
C PRO A 314 5.17 3.44 -12.36
N LEU A 315 4.21 4.28 -12.72
CA LEU A 315 4.50 5.48 -13.52
C LEU A 315 4.97 6.66 -12.67
N HIS A 316 5.05 6.49 -11.39
CA HIS A 316 5.47 7.52 -10.47
C HIS A 316 6.74 7.05 -9.79
N PRO A 317 7.41 7.92 -9.04
CA PRO A 317 8.65 7.50 -8.37
C PRO A 317 8.42 6.30 -7.45
N ALA A 318 9.40 5.41 -7.46
CA ALA A 318 9.30 4.20 -6.68
C ALA A 318 9.18 4.51 -5.20
N THR A 319 8.47 3.64 -4.49
CA THR A 319 8.28 3.72 -3.06
C THR A 319 8.50 2.34 -2.47
N HIS A 320 8.60 2.30 -1.15
CA HIS A 320 8.84 1.02 -0.49
C HIS A 320 7.65 0.08 -0.56
N TRP A 321 6.47 0.56 -0.92
CA TRP A 321 5.31 -0.30 -1.10
C TRP A 321 5.34 -1.07 -2.41
N LYS A 322 6.10 -0.60 -3.40
CA LYS A 322 6.22 -1.24 -4.72
C LYS A 322 4.81 -1.37 -5.29
N GLN A 323 4.49 -2.50 -5.95
CA GLN A 323 3.16 -2.84 -6.40
C GLN A 323 2.88 -4.29 -6.03
N ALA A 324 1.61 -4.67 -6.09
CA ALA A 324 1.18 -6.03 -5.84
C ALA A 324 0.83 -6.71 -7.17
N LEU A 325 1.57 -7.76 -7.50
CA LEU A 325 1.51 -8.37 -8.82
C LEU A 325 0.72 -9.68 -8.76
N LEU A 326 -0.19 -9.82 -9.73
CA LEU A 326 -1.10 -10.95 -9.86
C LEU A 326 -0.83 -11.63 -11.20
N TYR A 327 -0.01 -12.67 -11.19
CA TYR A 327 0.40 -13.34 -12.40
C TYR A 327 -0.60 -14.39 -12.81
N LEU A 328 -0.85 -14.47 -14.11
CA LEU A 328 -1.57 -15.57 -14.71
C LEU A 328 -0.69 -16.81 -14.66
N ASN A 329 -1.28 -17.96 -14.94
CA ASN A 329 -0.53 -19.21 -14.84
C ASN A 329 0.55 -19.29 -15.90
N GLU A 330 0.34 -18.62 -17.02
CA GLU A 330 1.35 -18.53 -18.07
C GLU A 330 1.08 -17.29 -18.90
N PRO A 331 2.04 -16.86 -19.72
CA PRO A 331 1.83 -15.66 -20.53
C PRO A 331 0.79 -15.84 -21.62
N VAL A 332 0.10 -14.74 -21.91
CA VAL A 332 -0.94 -14.67 -22.91
C VAL A 332 -0.52 -13.63 -23.94
N PRO A 333 -0.37 -13.97 -25.21
CA PRO A 333 -0.04 -12.94 -26.19
C PRO A 333 -1.23 -12.02 -26.44
N VAL A 334 -0.95 -10.73 -26.51
CA VAL A 334 -1.97 -9.75 -26.84
C VAL A 334 -1.41 -8.82 -27.90
N GLU A 335 -2.29 -7.99 -28.42
CA GLU A 335 -1.95 -7.07 -29.49
C GLU A 335 -2.57 -5.70 -29.18
N GLN A 336 -2.17 -4.72 -29.96
CA GLN A 336 -2.82 -3.42 -29.89
C GLN A 336 -4.33 -3.59 -29.96
N ASP A 337 -5.01 -2.97 -29.00
CA ASP A 337 -6.46 -2.90 -28.89
C ASP A 337 -7.09 -4.21 -28.43
N THR A 338 -6.29 -5.18 -28.00
CA THR A 338 -6.85 -6.34 -27.32
C THR A 338 -7.61 -5.85 -26.11
N ASP A 339 -8.88 -6.28 -26.00
CA ASP A 339 -9.73 -5.89 -24.90
C ASP A 339 -9.50 -6.81 -23.69
N ILE A 340 -9.43 -6.21 -22.52
CA ILE A 340 -9.33 -6.94 -21.25
C ILE A 340 -10.34 -6.32 -20.28
N SER A 341 -11.17 -7.16 -19.68
CA SER A 341 -12.15 -6.72 -18.70
C SER A 341 -12.12 -7.73 -17.55
N GLY A 342 -12.81 -7.39 -16.48
CA GLY A 342 -12.86 -8.30 -15.36
C GLY A 342 -13.31 -7.57 -14.11
N GLU A 343 -12.99 -8.19 -12.97
CA GLU A 343 -13.37 -7.67 -11.67
C GLU A 343 -12.28 -8.07 -10.69
N ILE A 344 -11.97 -7.16 -9.78
CA ILE A 344 -10.96 -7.43 -8.76
C ILE A 344 -11.52 -7.02 -7.42
N THR A 345 -11.31 -7.88 -6.43
CA THR A 345 -11.82 -7.66 -5.08
C THR A 345 -10.68 -7.94 -4.10
N LEU A 346 -10.42 -6.98 -3.23
CA LEU A 346 -9.51 -7.16 -2.09
C LEU A 346 -10.33 -7.60 -0.88
N LEU A 347 -9.95 -8.74 -0.30
CA LEU A 347 -10.73 -9.38 0.74
C LEU A 347 -9.87 -9.74 1.93
N PRO A 348 -10.48 -9.85 3.11
CA PRO A 348 -9.79 -10.47 4.24
C PRO A 348 -9.68 -11.97 4.03
N SER A 349 -8.64 -12.53 4.52
CA SER A 349 -8.63 -13.98 4.52
C SER A 349 -9.51 -14.54 5.64
N PRO A 350 -10.08 -15.73 5.46
CA PRO A 350 -10.92 -16.28 6.54
C PRO A 350 -10.16 -16.53 7.82
N ASP A 351 -8.96 -17.09 7.72
CA ASP A 351 -8.14 -17.36 8.90
C ASP A 351 -7.79 -16.09 9.65
N ASN A 352 -7.76 -14.95 8.97
CA ASN A 352 -6.99 -13.79 9.39
C ASN A 352 -7.41 -12.60 8.57
N PRO A 353 -8.20 -11.68 9.12
CA PRO A 353 -8.69 -10.58 8.31
C PRO A 353 -7.63 -9.62 7.79
N ARG A 354 -6.44 -9.54 8.40
CA ARG A 354 -5.44 -8.64 7.87
C ARG A 354 -4.50 -9.35 6.89
N ARG A 355 -4.72 -10.63 6.60
CA ARG A 355 -4.02 -11.30 5.52
C ARG A 355 -4.78 -11.05 4.22
N LEU A 356 -4.16 -10.34 3.29
CA LEU A 356 -4.85 -9.93 2.09
C LEU A 356 -5.08 -11.09 1.14
N ARG A 357 -6.31 -11.19 0.67
CA ARG A 357 -6.74 -12.05 -0.42
C ARG A 357 -7.19 -11.17 -1.56
N ILE A 358 -6.87 -11.55 -2.80
CA ILE A 358 -7.36 -10.84 -3.98
C ILE A 358 -7.99 -11.84 -4.92
N LEU A 359 -9.28 -11.64 -5.18
CA LEU A 359 -10.05 -12.46 -6.11
C LEU A 359 -10.07 -11.75 -7.45
N LEU A 360 -9.53 -12.39 -8.48
CA LEU A 360 -9.44 -11.83 -9.82
C LEU A 360 -10.30 -12.62 -10.79
N ARG A 361 -11.19 -11.94 -11.49
CA ARG A 361 -11.85 -12.47 -12.68
C ARG A 361 -11.41 -11.65 -13.89
N TYR A 362 -11.07 -12.32 -14.99
CA TYR A 362 -10.55 -11.58 -16.13
C TYR A 362 -10.93 -12.29 -17.42
N LYS A 363 -11.05 -11.49 -18.48
CA LYS A 363 -11.30 -12.00 -19.82
C LYS A 363 -10.41 -11.23 -20.78
N VAL A 364 -9.60 -11.95 -21.55
CA VAL A 364 -8.65 -11.39 -22.50
C VAL A 364 -9.17 -11.64 -23.91
N GLY A 365 -9.49 -10.56 -24.61
CA GLY A 365 -9.91 -10.71 -25.99
C GLY A 365 -11.09 -11.64 -26.09
N ASP A 366 -10.96 -12.68 -26.90
CA ASP A 366 -12.04 -13.63 -27.14
C ASP A 366 -11.99 -14.83 -26.22
N HIS A 367 -10.97 -14.94 -25.38
CA HIS A 367 -10.87 -16.10 -24.51
C HIS A 367 -12.00 -16.07 -23.48
N GLU A 368 -12.26 -17.24 -22.91
CA GLU A 368 -13.28 -17.34 -21.87
C GLU A 368 -12.82 -16.59 -20.64
N GLU A 369 -13.78 -16.11 -19.86
CA GLU A 369 -13.45 -15.49 -18.58
C GLU A 369 -12.82 -16.54 -17.67
N LYS A 370 -11.77 -16.13 -16.95
CA LYS A 370 -11.09 -16.99 -16.01
C LYS A 370 -11.11 -16.33 -14.65
N THR A 371 -10.81 -17.13 -13.63
CA THR A 371 -10.73 -16.69 -12.26
C THR A 371 -9.46 -17.21 -11.65
N LYS A 372 -8.85 -16.39 -10.80
CA LYS A 372 -7.70 -16.80 -10.00
C LYS A 372 -7.79 -16.11 -8.64
N ASP A 373 -7.60 -16.88 -7.58
CA ASP A 373 -7.80 -16.43 -6.20
C ASP A 373 -6.42 -16.39 -5.56
N PHE A 374 -5.94 -15.18 -5.24
CA PHE A 374 -4.58 -14.95 -4.79
C PHE A 374 -4.58 -14.64 -3.29
N ALA A 375 -3.46 -14.92 -2.63
CA ALA A 375 -3.29 -14.35 -1.31
C ALA A 375 -1.82 -14.10 -1.04
N MET A 376 -1.59 -13.19 -0.11
CA MET A 376 -0.25 -12.93 0.38
C MET A 376 0.28 -14.13 1.13
N GLU A 377 1.54 -14.44 0.88
CA GLU A 377 2.15 -15.61 1.52
C GLU A 377 2.44 -15.35 3.00
N ASP A 378 2.35 -16.43 3.78
CA ASP A 378 2.75 -16.40 5.19
C ASP A 378 4.13 -15.75 5.37
N GLY A 379 5.09 -16.10 4.49
CA GLY A 379 6.48 -15.70 4.60
C GLY A 379 6.84 -14.42 3.87
N SER A 380 5.85 -13.60 3.55
CA SER A 380 6.08 -12.36 2.83
C SER A 380 6.62 -11.28 3.78
N GLU A 381 6.99 -10.15 3.19
CA GLU A 381 7.63 -9.08 3.94
C GLU A 381 6.65 -8.36 4.86
N ASN A 382 7.17 -7.85 5.97
CA ASN A 382 6.36 -7.20 6.99
C ASN A 382 6.65 -5.71 7.06
N LEU A 383 5.63 -4.93 7.46
CA LEU A 383 5.79 -3.50 7.73
C LEU A 383 5.43 -3.21 9.18
N TYR A 384 4.15 -3.31 9.54
CA TYR A 384 3.69 -2.93 10.87
C TYR A 384 3.69 -4.09 11.85
N PHE A 385 3.65 -5.32 11.38
CA PHE A 385 3.50 -6.49 12.24
C PHE A 385 4.70 -7.40 11.97
N GLN A 386 5.78 -7.10 12.67
CA GLN A 386 7.06 -7.75 12.41
C GLN A 386 7.30 -8.95 13.31
CA CA B . 3.21 -10.92 7.56
#